data_4ENX
#
_entry.id   4ENX
#
_cell.length_a   97.074
_cell.length_b   97.074
_cell.length_c   80.941
_cell.angle_alpha   90.000
_cell.angle_beta   90.000
_cell.angle_gamma   120.000
#
_symmetry.space_group_name_H-M   'P 65'
#
loop_
_entity.id
_entity.type
_entity.pdbx_description
1 polymer 'Serine/threonine-protein kinase pim-1'
2 non-polymer 'PHOSPHATE ION'
3 non-polymer (2Z,5Z)-2-[(2-chlorophenyl)imino]-5-(4-hydroxy-3-nitrobenzylidene)-1,3-thiazolidin-4-one
4 water water
#
_entity_poly.entity_id   1
_entity_poly.type   'polypeptide(L)'
_entity_poly.pdbx_seq_one_letter_code
;MKEKEPLESQYQVGPLLGSGGFGSVYSGIRVSDNLPVAIKHVEKDRISDWGELPNGTRVPMEVVLLKKVSSGFSGVIRLL
DWFERPDSFVLILERPEPVQDLFDFITERGALQEELARSFFWQVLEAVRHCHNCGVLHRDIKDENILIDLNRGELKLIDF
GSGALLKDTVYTDFDGTRVYSPPEWIRYHRYHGRSAAVWSLGILLYDMVCGDIPFEHDEEIIRGQVFFRQRVSSECQHLI
RWCLALRPSDRPTFEEIQNHPWMQDVLLPQETAEIHLHSLSPGPSKSGPSSGENLYFQ
;
_entity_poly.pdbx_strand_id   A
#
loop_
_chem_comp.id
_chem_comp.type
_chem_comp.name
_chem_comp.formula
PO4 non-polymer 'PHOSPHATE ION' 'O4 P -3'
Z20 non-polymer (2Z,5Z)-2-[(2-chlorophenyl)imino]-5-(4-hydroxy-3-nitrobenzylidene)-1,3-thiazolidin-4-one 'C16 H10 Cl N3 O4 S'
#
# COMPACT_ATOMS: atom_id res chain seq x y z
N GLN A 10 9.13 14.98 -24.07
CA GLN A 10 9.64 14.89 -22.71
C GLN A 10 9.92 13.47 -22.24
N TYR A 11 9.01 12.55 -22.56
CA TYR A 11 9.14 11.18 -22.08
C TYR A 11 9.08 10.16 -23.20
N GLN A 12 10.00 9.20 -23.18
CA GLN A 12 9.98 8.11 -24.16
C GLN A 12 9.20 6.93 -23.57
N VAL A 13 8.03 6.65 -24.14
CA VAL A 13 7.12 5.63 -23.59
C VAL A 13 7.65 4.21 -23.83
N GLY A 14 7.54 3.36 -22.81
CA GLY A 14 7.91 1.97 -22.91
C GLY A 14 6.70 1.05 -22.81
N PRO A 15 6.91 -0.20 -22.38
CA PRO A 15 5.84 -1.21 -22.31
C PRO A 15 4.84 -0.94 -21.21
N LEU A 16 3.65 -1.52 -21.34
CA LEU A 16 2.60 -1.43 -20.32
C LEU A 16 2.97 -2.22 -19.06
N LEU A 17 3.08 -1.53 -17.92
CA LEU A 17 3.39 -2.17 -16.64
C LEU A 17 2.16 -2.77 -15.97
N GLY A 18 0.98 -2.32 -16.37
CA GLY A 18 -0.27 -2.80 -15.80
C GLY A 18 -1.48 -1.99 -16.22
N SER A 19 -2.65 -2.62 -16.15
CA SER A 19 -3.92 -1.97 -16.45
C SER A 19 -4.95 -2.46 -15.45
N GLY A 20 -5.99 -1.69 -15.21
CA GLY A 20 -7.03 -2.09 -14.28
C GLY A 20 -8.11 -1.05 -14.08
N GLY A 21 -8.61 -0.96 -12.85
CA GLY A 21 -9.66 0.00 -12.53
C GLY A 21 -9.14 1.42 -12.36
N PHE A 22 -7.89 1.55 -11.92
CA PHE A 22 -7.32 2.86 -11.64
C PHE A 22 -6.47 3.38 -12.79
N GLY A 23 -6.76 2.89 -13.99
CA GLY A 23 -6.10 3.35 -15.20
C GLY A 23 -5.14 2.34 -15.78
N SER A 24 -4.29 2.81 -16.69
CA SER A 24 -3.25 1.98 -17.27
C SER A 24 -1.90 2.62 -16.98
N VAL A 25 -0.90 1.81 -16.65
CA VAL A 25 0.43 2.35 -16.32
C VAL A 25 1.53 1.79 -17.23
N TYR A 26 2.33 2.68 -17.81
CA TYR A 26 3.39 2.30 -18.74
C TYR A 26 4.78 2.57 -18.15
N SER A 27 5.78 1.84 -18.64
CA SER A 27 7.18 2.14 -18.30
C SER A 27 7.62 3.33 -19.16
N GLY A 28 8.54 4.15 -18.63
CA GLY A 28 8.97 5.34 -19.35
C GLY A 28 10.40 5.77 -19.07
N ILE A 29 10.89 6.69 -19.89
CA ILE A 29 12.23 7.24 -19.76
C ILE A 29 12.12 8.76 -19.88
N ARG A 30 12.70 9.49 -18.94
CA ARG A 30 12.73 10.95 -19.08
C ARG A 30 13.86 11.31 -20.04
N VAL A 31 13.51 11.79 -21.22
CA VAL A 31 14.48 12.09 -22.27
C VAL A 31 15.57 13.06 -21.80
N SER A 32 15.23 13.92 -20.85
CA SER A 32 16.19 14.87 -20.27
C SER A 32 17.45 14.18 -19.74
N ASP A 33 17.27 13.22 -18.84
CA ASP A 33 18.40 12.54 -18.19
C ASP A 33 18.29 11.01 -18.17
N ASN A 34 17.49 10.46 -19.07
CA ASN A 34 17.21 9.01 -19.11
C ASN A 34 16.72 8.45 -17.77
N LEU A 35 16.12 9.31 -16.96
CA LEU A 35 15.57 8.90 -15.67
C LEU A 35 14.43 7.94 -15.84
N PRO A 36 14.47 6.80 -15.15
CA PRO A 36 13.35 5.86 -15.23
C PRO A 36 12.08 6.45 -14.59
N VAL A 37 10.98 6.45 -15.33
CA VAL A 37 9.70 6.92 -14.82
C VAL A 37 8.58 5.93 -15.14
N ALA A 38 7.43 6.12 -14.48
CA ALA A 38 6.21 5.37 -14.82
C ALA A 38 5.16 6.36 -15.31
N ILE A 39 4.47 6.01 -16.40
CA ILE A 39 3.46 6.90 -16.96
C ILE A 39 2.04 6.34 -16.72
N LYS A 40 1.30 6.98 -15.82
CA LYS A 40 -0.05 6.54 -15.45
C LYS A 40 -1.14 7.35 -16.12
N HIS A 41 -2.04 6.68 -16.84
CA HIS A 41 -3.18 7.35 -17.48
C HIS A 41 -4.48 7.05 -16.75
N VAL A 42 -5.20 8.10 -16.36
CA VAL A 42 -6.50 7.94 -15.71
C VAL A 42 -7.59 8.66 -16.50
N GLU A 43 -8.64 7.92 -16.87
CA GLU A 43 -9.78 8.55 -17.56
C GLU A 43 -10.53 9.45 -16.58
N LYS A 44 -10.78 10.69 -16.99
CA LYS A 44 -11.50 11.68 -16.19
C LYS A 44 -12.89 11.23 -15.75
N ASP A 45 -13.47 10.34 -16.53
CA ASP A 45 -14.85 9.89 -16.31
C ASP A 45 -14.94 8.88 -15.18
N ARG A 46 -13.79 8.39 -14.74
CA ARG A 46 -13.73 7.41 -13.66
C ARG A 46 -13.15 8.02 -12.39
N ILE A 47 -13.02 9.34 -12.40
CA ILE A 47 -12.52 10.07 -11.23
C ILE A 47 -13.68 10.75 -10.49
N SER A 48 -14.10 10.14 -9.38
CA SER A 48 -15.21 10.67 -8.59
C SER A 48 -14.78 11.74 -7.59
N ASP A 49 -13.48 11.75 -7.26
CA ASP A 49 -12.96 12.65 -6.23
C ASP A 49 -11.99 13.69 -6.79
N TRP A 50 -12.31 14.97 -6.59
CA TRP A 50 -11.51 16.07 -7.11
C TRP A 50 -11.09 17.02 -5.99
N GLY A 51 -10.02 17.77 -6.22
CA GLY A 51 -9.52 18.72 -5.24
C GLY A 51 -8.73 19.83 -5.92
N GLU A 52 -7.96 20.59 -5.13
CA GLU A 52 -7.20 21.70 -5.68
C GLU A 52 -6.08 22.13 -4.72
N LEU A 53 -5.19 22.98 -5.22
CA LEU A 53 -4.12 23.56 -4.41
C LEU A 53 -3.50 24.77 -5.12
N THR A 57 -5.77 24.71 -9.25
CA THR A 57 -6.57 24.18 -10.35
C THR A 57 -7.32 22.93 -9.93
N ARG A 58 -8.32 22.54 -10.73
CA ARG A 58 -9.10 21.34 -10.46
C ARG A 58 -8.39 20.07 -10.96
N VAL A 59 -7.88 19.28 -10.01
CA VAL A 59 -7.18 18.04 -10.32
C VAL A 59 -7.82 16.88 -9.55
N PRO A 60 -7.56 15.62 -9.97
CA PRO A 60 -8.08 14.50 -9.17
C PRO A 60 -7.44 14.49 -7.78
N MET A 61 -8.12 13.93 -6.79
CA MET A 61 -7.57 13.87 -5.43
C MET A 61 -6.23 13.14 -5.39
N GLU A 62 -6.05 12.16 -6.28
CA GLU A 62 -4.82 11.40 -6.36
C GLU A 62 -3.60 12.32 -6.53
N VAL A 63 -3.72 13.30 -7.43
CA VAL A 63 -2.69 14.33 -7.60
C VAL A 63 -2.50 15.15 -6.32
N VAL A 64 -3.61 15.52 -5.68
CA VAL A 64 -3.57 16.28 -4.42
C VAL A 64 -2.83 15.51 -3.31
N LEU A 65 -3.27 14.27 -3.08
CA LEU A 65 -2.69 13.41 -2.05
C LEU A 65 -1.19 13.19 -2.30
N LEU A 66 -0.84 12.86 -3.53
CA LEU A 66 0.56 12.62 -3.91
C LEU A 66 1.49 13.81 -3.64
N LYS A 67 0.99 15.03 -3.84
CA LYS A 67 1.81 16.21 -3.57
C LYS A 67 1.93 16.50 -2.07
N LYS A 68 0.99 15.98 -1.28
CA LYS A 68 1.04 16.16 0.18
C LYS A 68 2.07 15.21 0.82
N VAL A 69 2.24 14.04 0.23
CA VAL A 69 3.19 13.05 0.75
C VAL A 69 4.56 13.16 0.06
N SER A 70 4.65 14.01 -0.97
CA SER A 70 5.91 14.21 -1.66
C SER A 70 7.00 14.78 -0.73
N SER A 71 8.13 14.07 -0.69
CA SER A 71 9.22 14.44 0.21
C SER A 71 10.53 13.77 -0.20
N GLY A 72 11.51 13.83 0.69
CA GLY A 72 12.75 13.10 0.50
C GLY A 72 12.62 11.67 1.01
N PHE A 73 11.55 11.42 1.77
CA PHE A 73 11.26 10.07 2.25
C PHE A 73 10.92 9.15 1.07
N SER A 74 11.51 7.96 1.08
CA SER A 74 11.42 7.05 -0.05
C SER A 74 10.46 5.88 0.16
N GLY A 75 9.66 5.95 1.22
CA GLY A 75 8.68 4.90 1.47
C GLY A 75 7.41 5.08 0.65
N VAL A 76 7.21 6.29 0.11
CA VAL A 76 6.03 6.59 -0.70
C VAL A 76 6.47 6.96 -2.13
N ILE A 77 5.72 6.52 -3.14
CA ILE A 77 6.05 6.81 -4.54
C ILE A 77 6.06 8.33 -4.76
N ARG A 78 6.96 8.81 -5.62
CA ARG A 78 7.10 10.25 -5.85
C ARG A 78 6.40 10.69 -7.14
N LEU A 79 5.61 11.76 -7.06
CA LEU A 79 5.01 12.33 -8.26
C LEU A 79 5.97 13.36 -8.84
N LEU A 80 6.46 13.09 -10.05
CA LEU A 80 7.43 13.97 -10.70
C LEU A 80 6.75 15.11 -11.44
N ASP A 81 5.62 14.79 -12.08
CA ASP A 81 4.88 15.76 -12.85
C ASP A 81 3.53 15.15 -13.18
N TRP A 82 2.65 15.96 -13.76
CA TRP A 82 1.35 15.47 -14.22
C TRP A 82 0.90 16.35 -15.38
N PHE A 83 -0.03 15.84 -16.19
CA PHE A 83 -0.51 16.58 -17.35
C PHE A 83 -2.03 16.43 -17.45
N GLU A 84 -2.70 17.45 -17.96
CA GLU A 84 -4.14 17.33 -18.21
C GLU A 84 -4.40 17.19 -19.71
N ARG A 85 -5.16 16.16 -20.05
CA ARG A 85 -5.60 15.92 -21.42
C ARG A 85 -7.10 16.13 -21.48
N PRO A 86 -7.67 16.28 -22.69
CA PRO A 86 -9.11 16.49 -22.78
C PRO A 86 -9.95 15.44 -22.01
N ASP A 87 -9.56 14.17 -22.06
CA ASP A 87 -10.34 13.12 -21.40
C ASP A 87 -9.57 12.31 -20.37
N SER A 88 -8.29 12.63 -20.19
CA SER A 88 -7.47 11.89 -19.24
C SER A 88 -6.52 12.80 -18.45
N PHE A 89 -6.04 12.28 -17.31
CA PHE A 89 -4.92 12.88 -16.60
C PHE A 89 -3.72 11.93 -16.71
N VAL A 90 -2.54 12.48 -16.94
CA VAL A 90 -1.34 11.66 -17.08
C VAL A 90 -0.38 11.92 -15.92
N LEU A 91 -0.15 10.89 -15.10
CA LEU A 91 0.77 11.02 -13.97
C LEU A 91 2.17 10.48 -14.32
N ILE A 92 3.20 11.32 -14.14
CA ILE A 92 4.59 10.87 -14.25
C ILE A 92 5.08 10.54 -12.85
N LEU A 93 5.40 9.26 -12.63
CA LEU A 93 5.73 8.79 -11.29
C LEU A 93 7.15 8.24 -11.23
N GLU A 94 7.73 8.23 -10.04
CA GLU A 94 9.01 7.57 -9.78
C GLU A 94 8.98 6.10 -10.22
N ARG A 95 10.07 5.62 -10.80
CA ARG A 95 10.21 4.19 -11.14
C ARG A 95 11.59 3.61 -10.76
N PRO A 96 11.65 2.83 -9.67
CA PRO A 96 12.88 2.10 -9.34
C PRO A 96 13.16 0.98 -10.35
N GLU A 97 14.44 0.70 -10.58
CA GLU A 97 14.86 -0.30 -11.57
C GLU A 97 16.17 -0.96 -11.08
N PRO A 98 16.13 -2.28 -10.83
CA PRO A 98 14.97 -3.18 -10.97
C PRO A 98 13.96 -2.99 -9.85
N VAL A 99 12.74 -3.47 -10.09
CA VAL A 99 11.68 -3.40 -9.11
C VAL A 99 10.73 -4.59 -9.31
N GLN A 100 10.04 -5.00 -8.25
CA GLN A 100 9.04 -6.06 -8.32
C GLN A 100 8.02 -5.77 -7.23
N ASP A 101 6.73 -5.96 -7.51
CA ASP A 101 5.73 -5.72 -6.46
C ASP A 101 5.62 -6.90 -5.50
N LEU A 102 5.09 -6.63 -4.31
CA LEU A 102 5.00 -7.65 -3.27
C LEU A 102 4.12 -8.83 -3.71
N PHE A 103 3.06 -8.54 -4.47
CA PHE A 103 2.21 -9.60 -5.00
C PHE A 103 3.00 -10.61 -5.85
N ASP A 104 3.71 -10.12 -6.87
CA ASP A 104 4.53 -11.01 -7.71
C ASP A 104 5.67 -11.65 -6.92
N PHE A 105 6.23 -10.91 -5.98
CA PHE A 105 7.32 -11.39 -5.14
C PHE A 105 6.88 -12.63 -4.33
N ILE A 106 5.75 -12.50 -3.63
CA ILE A 106 5.16 -13.59 -2.87
C ILE A 106 4.61 -14.69 -3.80
N THR A 107 4.03 -14.29 -4.92
CA THR A 107 3.51 -15.27 -5.88
C THR A 107 4.60 -16.22 -6.38
N GLU A 108 5.81 -15.71 -6.59
CA GLU A 108 6.88 -16.54 -7.12
C GLU A 108 7.77 -17.17 -6.04
N ARG A 109 7.77 -16.59 -4.86
CA ARG A 109 8.64 -17.06 -3.78
C ARG A 109 7.88 -17.67 -2.60
N GLY A 110 6.56 -17.55 -2.62
CA GLY A 110 5.72 -18.11 -1.55
C GLY A 110 5.77 -17.31 -0.26
N ALA A 111 5.43 -17.96 0.85
CA ALA A 111 5.44 -17.32 2.16
C ALA A 111 6.84 -16.83 2.54
N LEU A 112 6.93 -15.59 3.04
CA LEU A 112 8.19 -14.98 3.42
C LEU A 112 8.67 -15.43 4.81
N GLN A 113 9.99 -15.50 5.00
CA GLN A 113 10.53 -15.70 6.35
C GLN A 113 10.15 -14.52 7.23
N GLU A 114 9.99 -14.78 8.53
CA GLU A 114 9.59 -13.73 9.45
C GLU A 114 10.58 -12.57 9.57
N GLU A 115 11.87 -12.85 9.35
CA GLU A 115 12.86 -11.79 9.34
C GLU A 115 12.60 -10.84 8.16
N LEU A 116 12.39 -11.41 6.97
CA LEU A 116 12.08 -10.62 5.78
C LEU A 116 10.73 -9.91 5.90
N ALA A 117 9.73 -10.61 6.41
CA ALA A 117 8.39 -10.03 6.58
C ALA A 117 8.42 -8.89 7.60
N ARG A 118 9.23 -9.04 8.65
CA ARG A 118 9.40 -8.00 9.67
C ARG A 118 9.98 -6.73 9.03
N SER A 119 11.04 -6.90 8.25
CA SER A 119 11.65 -5.78 7.55
C SER A 119 10.68 -5.08 6.60
N PHE A 120 9.91 -5.87 5.85
CA PHE A 120 8.95 -5.33 4.90
C PHE A 120 7.79 -4.61 5.60
N PHE A 121 7.17 -5.30 6.55
CA PHE A 121 6.05 -4.74 7.31
C PHE A 121 6.45 -3.44 8.01
N TRP A 122 7.63 -3.43 8.62
CA TRP A 122 8.19 -2.23 9.23
C TRP A 122 8.23 -1.08 8.23
N GLN A 123 8.76 -1.33 7.04
CA GLN A 123 8.85 -0.29 6.01
C GLN A 123 7.47 0.21 5.59
N VAL A 124 6.49 -0.70 5.53
CA VAL A 124 5.12 -0.32 5.17
C VAL A 124 4.54 0.58 6.26
N LEU A 125 4.67 0.16 7.52
CA LEU A 125 4.23 0.96 8.65
C LEU A 125 4.81 2.37 8.62
N GLU A 126 6.11 2.48 8.37
CA GLU A 126 6.77 3.79 8.33
C GLU A 126 6.20 4.67 7.21
N ALA A 127 5.83 4.04 6.09
CA ALA A 127 5.26 4.76 4.95
C ALA A 127 3.82 5.25 5.21
N VAL A 128 2.99 4.40 5.83
CA VAL A 128 1.61 4.76 6.14
C VAL A 128 1.55 5.77 7.28
N ARG A 129 2.45 5.64 8.25
CA ARG A 129 2.62 6.66 9.30
C ARG A 129 2.98 7.99 8.64
N HIS A 130 3.76 7.93 7.57
CA HIS A 130 4.12 9.14 6.81
C HIS A 130 2.89 9.78 6.15
N CYS A 131 2.11 8.95 5.43
CA CYS A 131 0.87 9.42 4.82
C CYS A 131 -0.08 10.09 5.82
N HIS A 132 -0.32 9.41 6.93
CA HIS A 132 -1.19 9.93 8.00
C HIS A 132 -0.63 11.23 8.60
N ASN A 133 0.70 11.29 8.75
CA ASN A 133 1.36 12.49 9.24
C ASN A 133 1.21 13.65 8.25
N CYS A 134 1.00 13.33 6.98
CA CYS A 134 0.81 14.33 5.92
C CYS A 134 -0.66 14.59 5.60
N GLY A 135 -1.55 13.97 6.38
CA GLY A 135 -2.98 14.18 6.21
C GLY A 135 -3.64 13.34 5.13
N VAL A 136 -2.96 12.27 4.72
CA VAL A 136 -3.43 11.39 3.66
C VAL A 136 -3.79 10.00 4.17
N LEU A 137 -4.89 9.44 3.66
CA LEU A 137 -5.27 8.05 3.95
C LEU A 137 -5.18 7.25 2.65
N HIS A 138 -4.36 6.20 2.61
CA HIS A 138 -4.15 5.47 1.37
C HIS A 138 -5.39 4.68 0.89
N ARG A 139 -6.02 3.96 1.83
CA ARG A 139 -7.28 3.22 1.59
C ARG A 139 -7.22 2.00 0.64
N ASP A 140 -6.03 1.55 0.31
CA ASP A 140 -5.89 0.38 -0.53
C ASP A 140 -4.51 -0.25 -0.31
N ILE A 141 -4.11 -0.32 0.94
CA ILE A 141 -2.87 -1.01 1.32
C ILE A 141 -2.99 -2.50 0.97
N LYS A 142 -2.06 -3.00 0.16
CA LYS A 142 -1.96 -4.42 -0.16
C LYS A 142 -0.67 -4.73 -0.92
N ASP A 143 -0.39 -6.02 -1.08
CA ASP A 143 0.81 -6.48 -1.79
C ASP A 143 0.96 -5.88 -3.18
N GLU A 144 -0.13 -5.74 -3.92
CA GLU A 144 -0.09 -5.16 -5.26
C GLU A 144 0.29 -3.67 -5.26
N ASN A 145 -0.01 -2.98 -4.15
CA ASN A 145 0.31 -1.57 -4.03
C ASN A 145 1.61 -1.29 -3.28
N ILE A 146 2.49 -2.29 -3.26
CA ILE A 146 3.82 -2.13 -2.67
C ILE A 146 4.93 -2.53 -3.65
N LEU A 147 5.83 -1.59 -3.96
CA LEU A 147 6.96 -1.86 -4.85
C LEU A 147 8.24 -2.17 -4.05
N ILE A 148 9.09 -3.02 -4.60
CA ILE A 148 10.36 -3.36 -3.95
C ILE A 148 11.57 -2.96 -4.81
N ASP A 149 12.28 -1.91 -4.38
CA ASP A 149 13.59 -1.57 -4.93
C ASP A 149 14.51 -2.72 -4.53
N LEU A 150 14.74 -3.65 -5.46
CA LEU A 150 15.47 -4.87 -5.18
C LEU A 150 16.94 -4.67 -4.75
N ASN A 151 17.56 -3.60 -5.25
CA ASN A 151 18.95 -3.30 -4.92
C ASN A 151 19.14 -2.62 -3.56
N ARG A 152 18.24 -1.71 -3.23
CA ARG A 152 18.35 -0.94 -2.00
C ARG A 152 17.54 -1.57 -0.87
N GLY A 153 16.74 -2.58 -1.21
CA GLY A 153 15.89 -3.25 -0.25
C GLY A 153 14.80 -2.33 0.31
N GLU A 154 14.46 -1.29 -0.43
CA GLU A 154 13.47 -0.32 0.04
C GLU A 154 12.09 -0.56 -0.57
N LEU A 155 11.05 -0.44 0.27
CA LEU A 155 9.66 -0.63 -0.18
C LEU A 155 8.98 0.72 -0.48
N LYS A 156 8.11 0.74 -1.48
CA LYS A 156 7.40 1.97 -1.87
C LYS A 156 5.89 1.75 -2.00
N LEU A 157 5.12 2.65 -1.39
CA LEU A 157 3.65 2.59 -1.47
C LEU A 157 3.17 3.26 -2.76
N ILE A 158 2.34 2.56 -3.54
CA ILE A 158 1.81 3.11 -4.81
C ILE A 158 0.28 3.12 -4.90
N ASP A 159 -0.24 3.70 -5.99
CA ASP A 159 -1.69 3.82 -6.24
C ASP A 159 -2.48 4.53 -5.14
N PHE A 160 -2.56 5.86 -5.25
CA PHE A 160 -3.32 6.65 -4.31
C PHE A 160 -4.69 7.01 -4.89
N GLY A 161 -5.15 6.22 -5.87
CA GLY A 161 -6.36 6.52 -6.62
C GLY A 161 -7.66 6.20 -5.90
N SER A 162 -7.56 5.57 -4.73
CA SER A 162 -8.73 5.26 -3.92
C SER A 162 -8.58 5.87 -2.53
N GLY A 163 -7.54 6.71 -2.38
CA GLY A 163 -7.28 7.37 -1.10
C GLY A 163 -8.01 8.68 -0.92
N ALA A 164 -8.07 9.15 0.33
CA ALA A 164 -8.75 10.39 0.68
C ALA A 164 -7.93 11.20 1.67
N LEU A 165 -8.32 12.46 1.88
CA LEU A 165 -7.77 13.25 2.98
C LEU A 165 -8.12 12.55 4.31
N LEU A 166 -7.12 12.41 5.18
CA LEU A 166 -7.35 11.84 6.52
C LEU A 166 -8.25 12.74 7.37
N LYS A 167 -9.24 12.13 8.04
CA LYS A 167 -10.15 12.83 8.96
C LYS A 167 -10.50 11.97 10.17
N ASP A 168 -11.06 12.59 11.21
CA ASP A 168 -11.39 11.86 12.43
C ASP A 168 -12.86 11.42 12.51
N THR A 169 -13.66 11.85 11.53
CA THR A 169 -15.06 11.42 11.41
C THR A 169 -15.16 10.13 10.59
N VAL A 170 -16.38 9.63 10.40
CA VAL A 170 -16.59 8.33 9.73
C VAL A 170 -16.51 8.43 8.20
N TYR A 171 -15.97 7.40 7.56
CA TYR A 171 -15.99 7.32 6.10
C TYR A 171 -17.17 6.45 5.65
N THR A 172 -17.97 6.97 4.71
CA THR A 172 -19.09 6.22 4.14
C THR A 172 -18.83 5.86 2.69
N ASP A 173 -17.65 6.24 2.19
CA ASP A 173 -17.23 5.88 0.83
C ASP A 173 -16.05 4.91 0.90
N PHE A 174 -16.08 3.87 0.07
CA PHE A 174 -14.94 2.95 -0.08
C PHE A 174 -14.86 2.38 -1.50
N ASP A 175 -13.69 2.50 -2.12
CA ASP A 175 -13.47 1.96 -3.46
C ASP A 175 -12.06 1.37 -3.52
N GLY A 176 -11.68 0.68 -2.46
CA GLY A 176 -10.41 -0.04 -2.41
C GLY A 176 -10.64 -1.52 -2.65
N THR A 177 -9.75 -2.36 -2.13
CA THR A 177 -9.84 -3.80 -2.34
C THR A 177 -10.67 -4.46 -1.23
N ARG A 178 -11.68 -5.23 -1.62
CA ARG A 178 -12.67 -5.73 -0.66
C ARG A 178 -12.11 -6.75 0.34
N VAL A 179 -11.29 -7.69 -0.14
CA VAL A 179 -10.70 -8.72 0.73
C VAL A 179 -9.75 -8.14 1.77
N TYR A 180 -9.32 -6.90 1.57
CA TYR A 180 -8.51 -6.16 2.54
C TYR A 180 -9.35 -5.19 3.38
N SER A 181 -10.66 -5.17 3.13
CA SER A 181 -11.57 -4.24 3.83
C SER A 181 -12.06 -4.81 5.18
N PRO A 182 -12.28 -3.92 6.17
CA PRO A 182 -12.64 -4.33 7.52
C PRO A 182 -14.11 -4.73 7.65
N PRO A 183 -14.44 -5.53 8.68
CA PRO A 183 -15.81 -6.03 8.87
C PRO A 183 -16.84 -4.93 9.11
N GLU A 184 -16.40 -3.78 9.62
CA GLU A 184 -17.30 -2.64 9.80
C GLU A 184 -17.73 -2.02 8.47
N TRP A 185 -16.90 -2.15 7.42
CA TRP A 185 -17.31 -1.69 6.09
C TRP A 185 -18.30 -2.66 5.46
N ILE A 186 -17.98 -3.95 5.55
CA ILE A 186 -18.84 -5.00 5.00
C ILE A 186 -20.28 -4.89 5.56
N ARG A 187 -20.42 -4.74 6.87
CA ARG A 187 -21.74 -4.70 7.52
C ARG A 187 -22.46 -3.35 7.39
N TYR A 188 -21.79 -2.30 7.82
CA TYR A 188 -22.43 -1.01 8.03
C TYR A 188 -22.12 0.05 6.97
N HIS A 189 -21.18 -0.27 6.07
CA HIS A 189 -20.68 0.70 5.11
C HIS A 189 -20.17 1.95 5.84
N ARG A 190 -19.48 1.72 6.96
CA ARG A 190 -18.90 2.77 7.77
C ARG A 190 -17.56 2.30 8.34
N TYR A 191 -16.57 3.20 8.36
CA TYR A 191 -15.27 2.93 8.98
C TYR A 191 -14.54 4.22 9.31
N HIS A 192 -13.59 4.15 10.24
CA HIS A 192 -12.71 5.28 10.50
C HIS A 192 -11.34 4.93 9.95
N GLY A 193 -10.61 5.94 9.47
CA GLY A 193 -9.40 5.71 8.69
C GLY A 193 -8.33 4.83 9.31
N ARG A 194 -7.85 5.24 10.48
CA ARG A 194 -6.72 4.59 11.13
C ARG A 194 -7.01 3.14 11.49
N SER A 195 -8.14 2.90 12.15
CA SER A 195 -8.54 1.53 12.49
C SER A 195 -8.68 0.65 11.25
N ALA A 196 -9.33 1.19 10.22
CA ALA A 196 -9.50 0.46 8.97
C ALA A 196 -8.14 0.15 8.31
N ALA A 197 -7.22 1.12 8.36
CA ALA A 197 -5.86 0.92 7.84
C ALA A 197 -5.12 -0.22 8.57
N VAL A 198 -5.26 -0.27 9.89
CA VAL A 198 -4.64 -1.32 10.69
C VAL A 198 -5.17 -2.70 10.28
N TRP A 199 -6.47 -2.79 10.02
CA TRP A 199 -7.07 -4.04 9.57
C TRP A 199 -6.39 -4.53 8.29
N SER A 200 -6.24 -3.63 7.31
CA SER A 200 -5.61 -4.02 6.05
C SER A 200 -4.15 -4.43 6.28
N LEU A 201 -3.52 -3.81 7.28
CA LEU A 201 -2.15 -4.17 7.63
C LEU A 201 -2.11 -5.60 8.18
N GLY A 202 -3.11 -5.97 8.97
CA GLY A 202 -3.23 -7.33 9.46
C GLY A 202 -3.40 -8.33 8.33
N ILE A 203 -4.25 -8.00 7.37
CA ILE A 203 -4.45 -8.83 6.18
C ILE A 203 -3.13 -8.96 5.41
N LEU A 204 -2.41 -7.84 5.31
CA LEU A 204 -1.15 -7.81 4.56
C LEU A 204 -0.04 -8.64 5.21
N LEU A 205 0.08 -8.53 6.54
CA LEU A 205 1.10 -9.27 7.27
C LEU A 205 0.85 -10.77 7.22
N TYR A 206 -0.43 -11.16 7.33
CA TYR A 206 -0.82 -12.56 7.16
C TYR A 206 -0.40 -13.01 5.77
N ASP A 207 -0.72 -12.20 4.77
CA ASP A 207 -0.36 -12.50 3.38
C ASP A 207 1.14 -12.75 3.23
N MET A 208 1.93 -11.97 3.97
CA MET A 208 3.39 -12.08 3.90
C MET A 208 3.89 -13.39 4.50
N VAL A 209 3.35 -13.76 5.66
CA VAL A 209 3.87 -14.92 6.40
C VAL A 209 3.24 -16.25 6.02
N CYS A 210 2.07 -16.22 5.37
CA CYS A 210 1.37 -17.42 4.99
C CYS A 210 1.39 -17.65 3.48
N GLY A 211 1.65 -16.58 2.73
CA GLY A 211 1.71 -16.68 1.28
C GLY A 211 0.39 -16.40 0.58
N ASP A 212 -0.65 -16.06 1.36
CA ASP A 212 -1.95 -15.71 0.81
C ASP A 212 -2.81 -15.02 1.87
N ILE A 213 -3.84 -14.30 1.44
CA ILE A 213 -4.74 -13.59 2.37
C ILE A 213 -5.61 -14.56 3.17
N PRO A 214 -6.00 -14.17 4.40
CA PRO A 214 -6.76 -15.09 5.25
C PRO A 214 -8.24 -15.22 4.88
N PHE A 215 -8.84 -14.17 4.31
CA PHE A 215 -10.27 -14.17 4.01
C PHE A 215 -10.52 -13.93 2.51
N GLU A 216 -11.54 -14.59 1.96
CA GLU A 216 -11.92 -14.39 0.56
C GLU A 216 -13.38 -13.98 0.44
N HIS A 217 -14.17 -14.37 1.44
CA HIS A 217 -15.61 -14.13 1.43
C HIS A 217 -16.04 -13.17 2.54
N ASP A 218 -17.14 -12.44 2.31
CA ASP A 218 -17.66 -11.47 3.26
C ASP A 218 -17.92 -12.13 4.62
N GLU A 219 -18.52 -13.31 4.57
CA GLU A 219 -18.85 -14.09 5.76
C GLU A 219 -17.61 -14.41 6.62
N GLU A 220 -16.49 -14.69 5.96
CA GLU A 220 -15.23 -14.94 6.68
C GLU A 220 -14.73 -13.68 7.39
N ILE A 221 -14.84 -12.53 6.70
CA ILE A 221 -14.41 -11.24 7.26
C ILE A 221 -15.21 -10.85 8.50
N ILE A 222 -16.54 -10.95 8.42
CA ILE A 222 -17.43 -10.68 9.56
C ILE A 222 -17.02 -11.50 10.78
N ARG A 223 -16.71 -12.78 10.54
CA ARG A 223 -16.35 -13.71 11.62
C ARG A 223 -14.95 -13.46 12.18
N GLY A 224 -13.99 -13.10 11.31
CA GLY A 224 -12.65 -12.77 11.75
C GLY A 224 -11.89 -13.88 12.47
N GLN A 225 -12.23 -15.13 12.19
CA GLN A 225 -11.45 -16.25 12.70
C GLN A 225 -10.24 -16.48 11.81
N VAL A 226 -9.04 -16.32 12.36
CA VAL A 226 -7.81 -16.48 11.59
C VAL A 226 -7.24 -17.90 11.74
N PHE A 227 -7.06 -18.60 10.62
CA PHE A 227 -6.43 -19.92 10.60
C PHE A 227 -5.06 -19.81 9.94
N PHE A 228 -4.02 -20.30 10.60
CA PHE A 228 -2.69 -20.28 9.98
C PHE A 228 -2.38 -21.58 9.25
N ARG A 229 -2.19 -21.46 7.94
CA ARG A 229 -1.93 -22.59 7.04
C ARG A 229 -0.43 -22.87 7.00
N GLN A 230 0.32 -21.98 7.62
CA GLN A 230 1.78 -22.08 7.67
C GLN A 230 2.29 -22.04 9.10
N ARG A 231 3.52 -22.52 9.30
CA ARG A 231 4.18 -22.37 10.59
C ARG A 231 4.56 -20.90 10.81
N VAL A 232 3.83 -20.25 11.70
CA VAL A 232 4.08 -18.84 12.05
C VAL A 232 4.29 -18.75 13.58
N SER A 233 5.29 -17.96 14.00
CA SER A 233 5.56 -17.78 15.44
C SER A 233 4.35 -17.25 16.21
N SER A 234 4.32 -17.49 17.52
CA SER A 234 3.20 -17.04 18.36
C SER A 234 3.08 -15.52 18.42
N GLU A 235 4.21 -14.83 18.33
CA GLU A 235 4.20 -13.38 18.42
C GLU A 235 3.70 -12.73 17.15
N CYS A 236 4.01 -13.34 16.01
CA CYS A 236 3.49 -12.85 14.74
C CYS A 236 1.97 -13.10 14.67
N GLN A 237 1.56 -14.31 15.05
CA GLN A 237 0.14 -14.66 15.13
C GLN A 237 -0.62 -13.67 16.03
N HIS A 238 -0.02 -13.31 17.16
CA HIS A 238 -0.63 -12.37 18.11
C HIS A 238 -0.85 -10.99 17.47
N LEU A 239 0.19 -10.46 16.84
CA LEU A 239 0.12 -9.17 16.18
C LEU A 239 -0.94 -9.19 15.08
N ILE A 240 -0.99 -10.28 14.32
CA ILE A 240 -1.96 -10.42 13.24
C ILE A 240 -3.39 -10.45 13.78
N ARG A 241 -3.63 -11.27 14.80
CA ARG A 241 -4.97 -11.38 15.37
C ARG A 241 -5.39 -10.06 16.02
N TRP A 242 -4.41 -9.28 16.46
CA TRP A 242 -4.64 -7.99 17.12
C TRP A 242 -5.10 -6.94 16.10
N CYS A 243 -4.37 -6.84 14.99
CA CYS A 243 -4.74 -5.96 13.87
C CYS A 243 -6.09 -6.35 13.31
N LEU A 244 -6.40 -7.63 13.39
CA LEU A 244 -7.64 -8.16 12.84
C LEU A 244 -8.73 -8.31 13.89
N ALA A 245 -8.68 -7.47 14.93
CA ALA A 245 -9.76 -7.42 15.91
C ALA A 245 -11.05 -6.96 15.24
N LEU A 246 -12.15 -7.64 15.53
CA LEU A 246 -13.45 -7.28 14.97
C LEU A 246 -13.84 -5.85 15.36
N ARG A 247 -13.73 -5.54 16.65
CA ARG A 247 -14.01 -4.19 17.12
C ARG A 247 -12.81 -3.30 16.86
N PRO A 248 -12.99 -2.26 16.03
CA PRO A 248 -11.92 -1.34 15.62
C PRO A 248 -11.12 -0.78 16.81
N SER A 249 -11.83 -0.40 17.88
CA SER A 249 -11.18 0.13 19.08
C SER A 249 -10.32 -0.90 19.82
N ASP A 250 -10.44 -2.17 19.48
CA ASP A 250 -9.56 -3.20 20.05
C ASP A 250 -8.33 -3.41 19.16
N ARG A 251 -8.25 -2.68 18.06
CA ARG A 251 -7.10 -2.75 17.18
C ARG A 251 -5.96 -1.89 17.71
N PRO A 252 -4.71 -2.33 17.50
CA PRO A 252 -3.58 -1.54 17.99
C PRO A 252 -3.42 -0.28 17.16
N THR A 253 -2.71 0.70 17.75
CA THR A 253 -2.29 1.90 17.05
C THR A 253 -0.97 1.59 16.35
N PHE A 254 -0.52 2.47 15.47
CA PHE A 254 0.75 2.26 14.76
C PHE A 254 1.92 2.17 15.73
N GLU A 255 1.86 2.97 16.79
CA GLU A 255 2.85 2.89 17.86
C GLU A 255 2.82 1.50 18.50
N GLU A 256 1.63 1.03 18.86
CA GLU A 256 1.47 -0.28 19.50
C GLU A 256 1.90 -1.46 18.61
N ILE A 257 1.74 -1.30 17.29
CA ILE A 257 2.25 -2.30 16.36
C ILE A 257 3.79 -2.31 16.35
N GLN A 258 4.39 -1.12 16.26
CA GLN A 258 5.85 -1.00 16.14
C GLN A 258 6.58 -1.20 17.46
N ASN A 259 5.83 -1.27 18.56
CA ASN A 259 6.41 -1.61 19.87
C ASN A 259 6.14 -3.07 20.23
N HIS A 260 5.43 -3.76 19.34
CA HIS A 260 5.18 -5.19 19.50
C HIS A 260 6.49 -5.96 19.50
N PRO A 261 6.58 -6.98 20.36
CA PRO A 261 7.81 -7.80 20.45
C PRO A 261 8.21 -8.45 19.13
N TRP A 262 7.27 -8.77 18.26
CA TRP A 262 7.61 -9.36 16.97
C TRP A 262 8.30 -8.36 16.04
N MET A 263 8.06 -7.07 16.27
CA MET A 263 8.63 -6.01 15.44
C MET A 263 10.01 -5.55 15.94
N GLN A 264 10.56 -6.27 16.93
CA GLN A 264 11.88 -5.95 17.49
C GLN A 264 13.03 -6.32 16.55
N ASP A 265 14.13 -5.56 16.65
CA ASP A 265 15.35 -5.84 15.88
C ASP A 265 15.14 -5.99 14.38
N VAL A 266 14.51 -5.00 13.78
CA VAL A 266 14.26 -5.01 12.33
C VAL A 266 15.57 -4.85 11.56
N LEU A 267 15.65 -5.45 10.36
CA LEU A 267 16.82 -5.27 9.51
C LEU A 267 16.75 -3.91 8.80
N LEU A 268 17.92 -3.32 8.56
CA LEU A 268 18.04 -2.15 7.69
C LEU A 268 17.72 -2.63 6.27
N PRO A 269 17.18 -1.74 5.42
CA PRO A 269 16.79 -2.13 4.05
C PRO A 269 17.94 -2.76 3.26
N GLN A 270 19.15 -2.21 3.38
CA GLN A 270 20.32 -2.75 2.68
C GLN A 270 20.72 -4.16 3.16
N GLU A 271 20.61 -4.40 4.46
CA GLU A 271 20.78 -5.75 5.01
C GLU A 271 19.72 -6.68 4.41
N THR A 272 18.51 -6.18 4.28
CA THR A 272 17.36 -6.96 3.81
C THR A 272 17.59 -7.43 2.38
N ALA A 273 18.30 -6.63 1.60
CA ALA A 273 18.59 -6.98 0.21
C ALA A 273 19.72 -8.00 0.10
N GLU A 274 20.82 -7.77 0.81
CA GLU A 274 21.99 -8.66 0.76
C GLU A 274 21.70 -10.09 1.20
N ILE A 275 20.80 -10.23 2.18
CA ILE A 275 20.41 -11.52 2.73
C ILE A 275 19.27 -12.18 1.95
N HIS A 276 18.22 -11.40 1.66
CA HIS A 276 16.98 -11.96 1.13
C HIS A 276 16.71 -11.72 -0.36
N LEU A 277 17.29 -10.66 -0.91
CA LEU A 277 16.94 -10.26 -2.28
C LEU A 277 18.03 -10.54 -3.31
N HIS A 278 19.24 -10.82 -2.86
CA HIS A 278 20.34 -11.12 -3.77
C HIS A 278 20.51 -12.63 -3.92
P PO4 B . 6.49 -20.41 19.53
O1 PO4 B . 5.60 -19.56 18.66
O2 PO4 B . 7.88 -20.36 18.96
O3 PO4 B . 6.50 -19.83 20.93
O4 PO4 B . 5.97 -21.83 19.56
O24 Z20 C . 5.85 -1.34 -11.79
N22 Z20 C . 4.86 -0.66 -11.55
O23 Z20 C . 3.73 -1.07 -11.64
C18 Z20 C . 5.05 0.78 -11.12
C17 Z20 C . 6.33 1.36 -11.21
O25 Z20 C . 7.33 0.59 -11.70
C16 Z20 C . 6.51 2.69 -10.81
C15 Z20 C . 5.43 3.40 -10.32
C19 Z20 C . 3.96 1.51 -10.64
C14 Z20 C . 4.15 2.83 -10.24
C13 Z20 C . 3.05 3.65 -9.71
C11 Z20 C . 1.72 3.45 -9.71
C10 Z20 C . 0.75 4.30 -8.97
O21 Z20 C . 0.99 5.25 -8.26
N9 Z20 C . -0.65 3.87 -9.17
S12 Z20 C . 0.80 2.17 -10.61
C8 Z20 C . -0.80 2.74 -10.02
N7 Z20 C . -1.85 2.10 -10.42
C2 Z20 C . -1.92 0.94 -11.27
C3 Z20 C . -2.32 1.07 -12.62
CL1 Z20 C . -2.67 2.60 -13.29
C4 Z20 C . -2.42 -0.04 -13.46
C5 Z20 C . -2.14 -1.29 -12.94
C6 Z20 C . -1.76 -1.44 -11.61
C1 Z20 C . -1.66 -0.34 -10.76
#